data_6A45
#
_entry.id   6A45
#
_cell.length_a   44.293
_cell.length_b   54.725
_cell.length_c   88.156
_cell.angle_alpha   90.00
_cell.angle_beta   100.70
_cell.angle_gamma   90.00
#
_symmetry.space_group_name_H-M   'P 1 21 1'
#
loop_
_entity.id
_entity.type
_entity.pdbx_description
1 polymer 'Three prime repair exonuclease 2'
2 non-polymer 'PHOSPHATE ION'
3 water water
#
_entity_poly.entity_id   1
_entity_poly.type   'polypeptide(L)'
_entity_poly.pdbx_seq_one_letter_code
;MGSSHHHHHHSSGLVPRGSHMSEPPRAETFVFLDLEATGLPNMDPEIAEISLFAVHRSSLENPERDDSGSLVLPRVLDKL
TLCMCPERPFTAKASEITGLSSESLMHCGKAGFNGAVVRTLQGFLSRQEGPICLVAHNGFDYDFPLLCTELQRLGAHLPQ
DTVCLDTLPALRGLDRAHSHGTRAQGRKSYSLASLFHRYFQAEPSAAHSAEGDVHTLLLIFLHRAPELLAWADEQARSWA
HIEPMYVPPDGPSLEA
;
_entity_poly.pdbx_strand_id   A,B
#
loop_
_chem_comp.id
_chem_comp.type
_chem_comp.name
_chem_comp.formula
PO4 non-polymer 'PHOSPHATE ION' 'O4 P -3'
#
# COMPACT_ATOMS: atom_id res chain seq x y z
N GLU A 23 3.22 30.12 11.59
CA GLU A 23 3.50 29.88 10.19
C GLU A 23 3.95 28.44 9.96
N PRO A 24 3.31 27.72 9.01
CA PRO A 24 3.62 26.29 8.87
C PRO A 24 5.01 26.03 8.27
N PRO A 25 5.65 24.91 8.63
CA PRO A 25 6.91 24.55 7.99
C PRO A 25 6.71 24.07 6.56
N ARG A 26 7.76 24.13 5.76
CA ARG A 26 7.72 23.59 4.42
C ARG A 26 7.80 22.06 4.51
N ALA A 27 6.76 21.38 4.01
CA ALA A 27 6.71 19.93 4.08
C ALA A 27 7.47 19.30 2.92
N GLU A 28 8.16 18.20 3.20
CA GLU A 28 8.96 17.49 2.22
C GLU A 28 8.28 16.22 1.73
N THR A 29 7.35 15.68 2.52
CA THR A 29 6.58 14.53 2.10
C THR A 29 5.11 14.79 2.37
N PHE A 30 4.31 14.48 1.36
CA PHE A 30 2.87 14.65 1.44
C PHE A 30 2.30 13.24 1.49
N VAL A 31 1.62 12.95 2.59
CA VAL A 31 1.06 11.64 2.82
C VAL A 31 -0.44 11.74 2.65
N PHE A 32 -0.88 11.21 1.53
CA PHE A 32 -2.27 11.26 1.13
C PHE A 32 -2.99 10.12 1.81
N LEU A 33 -4.13 10.39 2.43
CA LEU A 33 -4.80 9.34 3.17
C LEU A 33 -6.30 9.44 3.10
N ASP A 34 -6.93 8.27 3.21
CA ASP A 34 -8.37 8.17 3.26
C ASP A 34 -8.71 7.13 4.32
N LEU A 35 -9.84 7.36 4.99
CA LEU A 35 -10.41 6.40 5.91
C LEU A 35 -11.72 5.86 5.35
N GLU A 36 -11.95 4.58 5.53
CA GLU A 36 -13.29 4.03 5.39
C GLU A 36 -13.77 3.73 6.80
N ALA A 37 -14.87 4.37 7.18
CA ALA A 37 -15.35 4.33 8.54
C ALA A 37 -16.72 3.67 8.65
N THR A 38 -17.11 3.39 9.89
CA THR A 38 -18.30 2.58 10.16
C THR A 38 -19.57 3.41 10.15
N GLY A 39 -19.43 4.72 10.08
CA GLY A 39 -20.59 5.58 10.01
C GLY A 39 -20.23 7.05 10.09
N LEU A 40 -21.24 7.88 10.34
CA LEU A 40 -21.05 9.32 10.43
C LEU A 40 -20.73 9.69 11.87
N PRO A 41 -20.24 10.91 12.11
CA PRO A 41 -19.72 11.32 13.42
C PRO A 41 -20.63 11.01 14.60
N ASN A 42 -21.93 11.19 14.40
CA ASN A 42 -22.91 11.12 15.49
C ASN A 42 -22.99 9.76 16.19
N MET A 43 -22.52 8.70 15.52
CA MET A 43 -22.56 7.36 16.10
C MET A 43 -21.17 6.90 16.56
N ASP A 44 -20.24 7.85 16.69
CA ASP A 44 -18.87 7.55 17.12
C ASP A 44 -18.26 6.47 16.23
N PRO A 45 -18.03 6.81 14.96
CA PRO A 45 -17.58 5.86 13.97
C PRO A 45 -16.17 5.34 14.26
N GLU A 46 -15.82 4.23 13.62
CA GLU A 46 -14.52 3.62 13.78
C GLU A 46 -13.88 3.42 12.43
N ILE A 47 -12.56 3.32 12.38
CA ILE A 47 -11.87 3.08 11.14
C ILE A 47 -11.93 1.59 10.83
N ALA A 48 -12.39 1.25 9.62
CA ALA A 48 -12.39 -0.13 9.15
C ALA A 48 -11.30 -0.32 8.11
N GLU A 49 -10.88 0.78 7.50
CA GLU A 49 -9.79 0.74 6.54
C GLU A 49 -9.10 2.10 6.50
N ILE A 50 -7.79 2.06 6.40
CA ILE A 50 -6.98 3.25 6.21
C ILE A 50 -6.02 2.95 5.09
N SER A 51 -5.88 3.90 4.18
CA SER A 51 -4.85 3.80 3.16
C SER A 51 -4.08 5.09 3.11
N LEU A 52 -2.77 4.97 2.94
CA LEU A 52 -1.85 6.10 2.84
C LEU A 52 -0.93 5.96 1.62
N PHE A 53 -0.78 7.04 0.86
CA PHE A 53 0.18 7.15 -0.23
C PHE A 53 1.18 8.25 0.13
N ALA A 54 2.46 7.91 0.27
CA ALA A 54 3.47 8.91 0.61
C ALA A 54 4.20 9.35 -0.65
N VAL A 55 4.23 10.66 -0.87
CA VAL A 55 4.77 11.26 -2.08
C VAL A 55 5.73 12.39 -1.73
N HIS A 56 6.95 12.34 -2.27
CA HIS A 56 7.91 13.39 -2.02
C HIS A 56 7.49 14.65 -2.74
N ARG A 57 7.73 15.79 -2.11
CA ARG A 57 7.35 17.09 -2.64
C ARG A 57 7.75 17.27 -4.11
N SER A 58 8.92 16.77 -4.48
CA SER A 58 9.45 16.98 -5.81
C SER A 58 8.59 16.31 -6.89
N SER A 59 7.96 15.19 -6.53
CA SER A 59 7.02 14.53 -7.44
C SER A 59 5.78 15.38 -7.69
N LEU A 60 5.47 16.24 -6.73
CA LEU A 60 4.32 17.13 -6.83
C LEU A 60 4.69 18.44 -7.51
N GLU A 61 5.95 18.82 -7.40
CA GLU A 61 6.41 20.07 -7.99
C GLU A 61 6.60 19.92 -9.50
N ASN A 62 6.97 18.72 -9.92
CA ASN A 62 7.09 18.39 -11.34
C ASN A 62 6.28 17.13 -11.68
N PRO A 63 4.95 17.28 -11.84
CA PRO A 63 4.11 16.10 -12.07
C PRO A 63 4.53 15.33 -13.31
N GLU A 64 4.81 14.04 -13.17
CA GLU A 64 5.23 13.25 -14.33
C GLU A 64 4.01 12.88 -15.17
N ARG A 65 4.19 12.96 -16.49
CA ARG A 65 3.14 12.70 -17.46
C ARG A 65 3.65 11.74 -18.52
N ASP A 66 2.81 10.81 -18.96
CA ASP A 66 3.20 9.90 -20.03
C ASP A 66 3.29 10.68 -21.34
N ASP A 67 3.75 10.02 -22.40
CA ASP A 67 4.02 10.70 -23.66
C ASP A 67 2.73 11.21 -24.30
N SER A 68 1.60 10.62 -23.91
CA SER A 68 0.29 11.10 -24.33
C SER A 68 -0.11 12.36 -23.56
N GLY A 69 0.68 12.72 -22.55
CA GLY A 69 0.52 13.99 -21.86
C GLY A 69 -0.40 13.99 -20.65
N SER A 70 -0.93 12.83 -20.28
CA SER A 70 -1.81 12.74 -19.11
C SER A 70 -1.03 12.37 -17.85
N LEU A 71 -1.49 12.87 -16.71
CA LEU A 71 -0.86 12.60 -15.43
C LEU A 71 -0.74 11.11 -15.17
N VAL A 72 0.36 10.74 -14.55
CA VAL A 72 0.54 9.39 -14.02
C VAL A 72 1.02 9.50 -12.59
N LEU A 73 0.89 8.43 -11.83
CA LEU A 73 1.32 8.47 -10.45
C LEU A 73 2.84 8.47 -10.38
N PRO A 74 3.41 9.10 -9.34
CA PRO A 74 4.87 9.08 -9.14
C PRO A 74 5.40 7.68 -8.95
N ARG A 75 6.57 7.39 -9.52
CA ARG A 75 7.12 6.05 -9.44
C ARG A 75 7.65 5.74 -8.05
N VAL A 76 8.24 6.73 -7.40
CA VAL A 76 8.69 6.56 -6.02
C VAL A 76 7.54 6.91 -5.08
N LEU A 77 6.77 5.90 -4.73
CA LEU A 77 5.52 6.03 -3.99
C LEU A 77 5.41 4.95 -2.93
N ASP A 78 5.51 5.33 -1.66
CA ASP A 78 5.28 4.37 -0.58
C ASP A 78 3.76 4.23 -0.32
N LYS A 79 3.31 3.01 -0.12
CA LYS A 79 1.89 2.73 0.11
C LYS A 79 1.67 1.87 1.34
N LEU A 80 0.62 2.18 2.10
CA LEU A 80 0.15 1.35 3.20
C LEU A 80 -1.36 1.31 3.21
N THR A 81 -1.91 0.11 3.13
CA THR A 81 -3.35 -0.11 3.30
C THR A 81 -3.58 -1.19 4.35
N LEU A 82 -4.39 -0.86 5.35
CA LEU A 82 -4.70 -1.78 6.45
C LEU A 82 -6.19 -1.83 6.72
N CYS A 83 -6.73 -3.04 6.78
CA CYS A 83 -8.11 -3.26 7.17
C CYS A 83 -8.20 -3.66 8.64
N MET A 84 -9.30 -3.24 9.28
CA MET A 84 -9.48 -3.41 10.73
C MET A 84 -10.93 -3.74 11.06
N CYS A 85 -11.15 -4.68 11.95
CA CYS A 85 -12.51 -4.95 12.38
C CYS A 85 -12.91 -3.95 13.47
N PRO A 86 -13.98 -3.18 13.25
CA PRO A 86 -14.37 -2.21 14.29
C PRO A 86 -14.91 -2.87 15.54
N GLU A 87 -14.87 -2.16 16.68
CA GLU A 87 -15.35 -2.70 17.95
C GLU A 87 -16.88 -2.70 17.96
N ARG A 88 -17.46 -1.72 17.28
CA ARG A 88 -18.90 -1.58 17.17
C ARG A 88 -19.29 -1.71 15.69
N PRO A 89 -20.54 -2.10 15.42
CA PRO A 89 -20.97 -2.43 14.06
C PRO A 89 -20.93 -1.28 13.06
N PHE A 90 -21.00 -1.63 11.77
CA PHE A 90 -21.19 -0.66 10.70
C PHE A 90 -22.62 -0.15 10.72
N THR A 91 -22.86 0.99 10.09
CA THR A 91 -24.21 1.36 9.68
C THR A 91 -24.49 0.63 8.37
N ALA A 92 -25.77 0.50 8.03
CA ALA A 92 -26.16 -0.08 6.75
C ALA A 92 -25.52 0.68 5.58
N LYS A 93 -25.57 2.01 5.65
CA LYS A 93 -25.04 2.85 4.57
C LYS A 93 -23.52 2.72 4.44
N ALA A 94 -22.82 2.70 5.58
CA ALA A 94 -21.35 2.62 5.57
C ALA A 94 -20.87 1.27 5.02
N SER A 95 -21.57 0.20 5.37
CA SER A 95 -21.20 -1.11 4.86
C SER A 95 -21.34 -1.13 3.33
N GLU A 96 -22.43 -0.52 2.85
CA GLU A 96 -22.69 -0.36 1.42
C GLU A 96 -21.64 0.49 0.71
N ILE A 97 -21.40 1.70 1.23
CA ILE A 97 -20.37 2.60 0.70
C ILE A 97 -18.99 1.96 0.62
N THR A 98 -18.57 1.33 1.71
CA THR A 98 -17.20 0.84 1.86
C THR A 98 -17.03 -0.56 1.29
N GLY A 99 -18.11 -1.32 1.29
CA GLY A 99 -18.08 -2.72 0.87
C GLY A 99 -17.44 -3.59 1.91
N LEU A 100 -17.43 -3.11 3.17
CA LEU A 100 -16.90 -3.87 4.29
C LEU A 100 -17.99 -4.13 5.33
N SER A 101 -17.84 -5.23 6.05
CA SER A 101 -18.71 -5.57 7.15
C SER A 101 -17.87 -6.14 8.28
N SER A 102 -18.41 -6.15 9.48
CA SER A 102 -17.73 -6.75 10.62
C SER A 102 -17.45 -8.23 10.35
N GLU A 103 -18.44 -8.95 9.83
CA GLU A 103 -18.30 -10.37 9.54
C GLU A 103 -17.14 -10.66 8.59
N SER A 104 -17.02 -9.87 7.53
CA SER A 104 -16.00 -10.13 6.50
C SER A 104 -14.60 -9.83 7.03
N LEU A 105 -14.47 -8.74 7.76
CA LEU A 105 -13.21 -8.41 8.41
C LEU A 105 -12.86 -9.46 9.47
N MET A 106 -13.87 -9.95 10.19
CA MET A 106 -13.64 -11.02 11.16
C MET A 106 -13.27 -12.33 10.49
N HIS A 107 -13.89 -12.62 9.35
CA HIS A 107 -13.60 -13.84 8.59
C HIS A 107 -12.15 -13.86 8.16
N CYS A 108 -11.59 -12.67 7.92
CA CYS A 108 -10.22 -12.53 7.42
C CYS A 108 -9.20 -12.31 8.54
N GLY A 109 -9.65 -12.49 9.79
CA GLY A 109 -8.76 -12.45 10.94
C GLY A 109 -8.14 -11.10 11.22
N LYS A 110 -8.90 -10.02 11.03
CA LYS A 110 -8.40 -8.67 11.27
C LYS A 110 -8.82 -8.18 12.65
N ALA A 111 -7.86 -7.75 13.47
CA ALA A 111 -8.18 -7.14 14.75
C ALA A 111 -8.56 -5.67 14.53
N GLY A 112 -8.95 -4.99 15.60
CA GLY A 112 -9.31 -3.59 15.50
C GLY A 112 -8.08 -2.70 15.44
N PHE A 113 -8.32 -1.39 15.49
CA PHE A 113 -7.25 -0.39 15.49
C PHE A 113 -6.43 -0.54 16.76
N ASN A 114 -5.27 -1.19 16.68
CA ASN A 114 -4.52 -1.58 17.87
C ASN A 114 -3.04 -1.22 17.78
N GLY A 115 -2.25 -1.74 18.71
CA GLY A 115 -0.83 -1.41 18.77
C GLY A 115 -0.12 -1.73 17.46
N ALA A 116 -0.50 -2.86 16.86
CA ALA A 116 0.13 -3.30 15.63
C ALA A 116 -0.14 -2.31 14.50
N VAL A 117 -1.33 -1.73 14.49
CA VAL A 117 -1.64 -0.69 13.51
C VAL A 117 -0.72 0.51 13.72
N VAL A 118 -0.52 0.88 14.99
CA VAL A 118 0.26 2.08 15.30
C VAL A 118 1.73 1.82 14.94
N ARG A 119 2.23 0.63 15.27
CA ARG A 119 3.63 0.31 14.95
C ARG A 119 3.82 0.40 13.43
N THR A 120 2.86 -0.10 12.67
CA THR A 120 3.00 -0.10 11.21
C THR A 120 2.94 1.32 10.65
N LEU A 121 1.98 2.09 11.13
CA LEU A 121 1.84 3.47 10.71
C LEU A 121 3.06 4.32 11.08
N GLN A 122 3.60 4.13 12.28
CA GLN A 122 4.70 4.96 12.73
C GLN A 122 6.00 4.61 11.98
N GLY A 123 6.15 3.33 11.66
CA GLY A 123 7.28 2.88 10.87
C GLY A 123 7.21 3.49 9.49
N PHE A 124 6.04 3.40 8.89
CA PHE A 124 5.75 3.96 7.57
C PHE A 124 6.07 5.45 7.51
N LEU A 125 5.57 6.20 8.49
CA LEU A 125 5.83 7.63 8.50
C LEU A 125 7.31 7.92 8.74
N SER A 126 7.97 7.12 9.58
CA SER A 126 9.40 7.37 9.85
C SER A 126 10.26 7.14 8.60
N ARG A 127 9.73 6.40 7.62
CA ARG A 127 10.42 6.20 6.35
C ARG A 127 10.35 7.44 5.45
N GLN A 128 9.53 8.42 5.84
CA GLN A 128 9.36 9.62 5.04
C GLN A 128 10.27 10.75 5.48
N GLU A 129 10.80 11.50 4.51
CA GLU A 129 11.56 12.71 4.79
C GLU A 129 10.61 13.81 5.28
N GLY A 130 10.83 14.28 6.50
CA GLY A 130 9.96 15.28 7.10
C GLY A 130 10.37 16.70 6.75
N PRO A 131 9.54 17.68 7.09
CA PRO A 131 8.25 17.45 7.75
C PRO A 131 7.20 16.83 6.83
N ILE A 132 6.22 16.18 7.44
CA ILE A 132 5.13 15.53 6.72
C ILE A 132 3.88 16.41 6.71
N CYS A 133 3.29 16.56 5.53
CA CYS A 133 1.95 17.12 5.40
C CYS A 133 0.95 15.99 5.11
N LEU A 134 0.07 15.70 6.05
CA LEU A 134 -1.05 14.81 5.79
C LEU A 134 -2.08 15.48 4.88
N VAL A 135 -2.56 14.75 3.87
CA VAL A 135 -3.57 15.27 2.96
C VAL A 135 -4.78 14.34 2.93
N ALA A 136 -5.95 14.90 3.26
CA ALA A 136 -7.20 14.15 3.21
C ALA A 136 -8.36 15.04 2.78
N HIS A 137 -9.18 14.52 1.88
CA HIS A 137 -10.35 15.25 1.39
C HIS A 137 -11.45 15.26 2.46
N ASN A 138 -11.89 16.48 2.80
CA ASN A 138 -12.78 16.73 3.94
C ASN A 138 -12.14 16.32 5.26
N GLY A 139 -10.81 16.34 5.30
CA GLY A 139 -10.06 15.92 6.47
C GLY A 139 -10.33 16.69 7.75
N PHE A 140 -10.48 18.01 7.68
CA PHE A 140 -10.69 18.77 8.90
C PHE A 140 -12.01 18.40 9.58
N ASP A 141 -13.03 18.05 8.79
CA ASP A 141 -14.33 17.67 9.36
C ASP A 141 -14.44 16.19 9.72
N TYR A 142 -13.65 15.32 9.09
CA TYR A 142 -13.84 13.90 9.30
C TYR A 142 -12.54 13.11 9.55
N ASP A 143 -11.74 12.93 8.50
CA ASP A 143 -10.59 12.03 8.57
C ASP A 143 -9.60 12.37 9.69
N PHE A 144 -9.21 13.64 9.82
CA PHE A 144 -8.24 14.00 10.84
C PHE A 144 -8.82 13.86 12.26
N PRO A 145 -10.05 14.38 12.51
CA PRO A 145 -10.49 14.16 13.87
C PRO A 145 -10.72 12.69 14.21
N LEU A 146 -11.11 11.90 13.22
CA LEU A 146 -11.31 10.46 13.44
C LEU A 146 -9.97 9.76 13.71
N LEU A 147 -8.96 10.06 12.91
CA LEU A 147 -7.64 9.48 13.15
C LEU A 147 -7.13 9.95 14.51
N CYS A 148 -7.40 11.20 14.85
CA CYS A 148 -6.95 11.74 16.12
C CYS A 148 -7.54 10.97 17.29
N THR A 149 -8.83 10.66 17.21
CA THR A 149 -9.48 9.90 18.26
C THR A 149 -8.83 8.54 18.43
N GLU A 150 -8.59 7.85 17.32
CA GLU A 150 -8.10 6.47 17.39
C GLU A 150 -6.67 6.45 17.93
N LEU A 151 -5.86 7.42 17.52
CA LEU A 151 -4.47 7.49 17.96
C LEU A 151 -4.39 7.90 19.43
N GLN A 152 -5.24 8.84 19.82
CA GLN A 152 -5.22 9.35 21.18
C GLN A 152 -5.68 8.28 22.16
N ARG A 153 -6.61 7.44 21.73
CA ARG A 153 -7.07 6.32 22.54
C ARG A 153 -5.89 5.41 22.93
N LEU A 154 -4.95 5.23 22.00
CA LEU A 154 -3.79 4.38 22.24
C LEU A 154 -2.55 5.14 22.72
N GLY A 155 -2.69 6.45 22.91
CA GLY A 155 -1.58 7.27 23.36
C GLY A 155 -0.49 7.44 22.30
N ALA A 156 -0.89 7.35 21.03
CA ALA A 156 0.06 7.43 19.92
C ALA A 156 0.25 8.86 19.42
N HIS A 157 1.47 9.19 19.03
CA HIS A 157 1.83 10.52 18.55
C HIS A 157 2.41 10.45 17.14
N LEU A 158 2.12 11.46 16.33
CA LEU A 158 2.75 11.60 15.04
C LEU A 158 4.00 12.46 15.19
N PRO A 159 4.88 12.44 14.18
CA PRO A 159 6.09 13.27 14.25
C PRO A 159 5.74 14.73 14.51
N GLN A 160 6.62 15.41 15.25
CA GLN A 160 6.27 16.65 15.95
C GLN A 160 5.87 17.82 15.05
N ASP A 161 6.45 17.88 13.86
CA ASP A 161 6.22 19.00 12.95
C ASP A 161 5.19 18.66 11.87
N THR A 162 4.45 17.58 12.07
CA THR A 162 3.46 17.17 11.09
C THR A 162 2.37 18.22 10.92
N VAL A 163 2.02 18.51 9.67
CA VAL A 163 0.92 19.41 9.38
C VAL A 163 -0.13 18.68 8.55
N CYS A 164 -1.28 19.34 8.39
CA CYS A 164 -2.44 18.79 7.67
C CYS A 164 -2.97 19.72 6.60
N LEU A 165 -3.39 19.13 5.49
CA LEU A 165 -4.07 19.83 4.42
C LEU A 165 -5.38 19.15 4.10
N ASP A 166 -6.46 19.93 4.05
CA ASP A 166 -7.76 19.46 3.57
C ASP A 166 -8.00 20.05 2.18
N THR A 167 -8.09 19.19 1.17
CA THR A 167 -8.22 19.64 -0.20
C THR A 167 -9.60 20.23 -0.53
N LEU A 168 -10.61 19.98 0.31
CA LEU A 168 -11.94 20.51 0.01
C LEU A 168 -11.99 22.05 0.21
N PRO A 169 -11.69 22.55 1.43
CA PRO A 169 -11.62 24.02 1.56
C PRO A 169 -10.49 24.64 0.76
N ALA A 170 -9.41 23.88 0.51
CA ALA A 170 -8.30 24.39 -0.27
C ALA A 170 -8.74 24.69 -1.69
N LEU A 171 -9.43 23.74 -2.31
CA LEU A 171 -9.91 23.89 -3.68
C LEU A 171 -11.03 24.93 -3.77
N ARG A 172 -11.91 24.99 -2.78
CA ARG A 172 -12.94 26.01 -2.80
C ARG A 172 -12.29 27.39 -2.72
N GLY A 173 -11.28 27.50 -1.88
CA GLY A 173 -10.61 28.78 -1.67
C GLY A 173 -9.83 29.21 -2.90
N LEU A 174 -9.22 28.26 -3.59
CA LEU A 174 -8.45 28.56 -4.79
C LEU A 174 -9.37 29.01 -5.92
N ASP A 175 -10.57 28.44 -5.98
CA ASP A 175 -11.53 28.77 -7.03
C ASP A 175 -12.15 30.14 -6.79
N ARG A 176 -12.32 30.51 -5.53
CA ARG A 176 -12.88 31.83 -5.21
C ARG A 176 -11.91 32.92 -5.62
N ALA A 177 -10.61 32.67 -5.40
CA ALA A 177 -9.56 33.61 -5.78
C ALA A 177 -9.41 33.67 -7.30
N HIS A 178 -9.30 32.50 -7.92
CA HIS A 178 -9.08 32.39 -9.35
C HIS A 178 -10.21 33.04 -10.15
N SER A 179 -11.36 33.21 -9.51
CA SER A 179 -12.54 33.76 -10.15
C SER A 179 -13.23 34.78 -9.26
N GLY A 186 -17.81 27.78 -12.69
CA GLY A 186 -18.31 26.64 -11.93
C GLY A 186 -17.22 25.94 -11.15
N ARG A 187 -17.53 24.82 -10.49
CA ARG A 187 -18.88 24.24 -10.45
C ARG A 187 -19.25 23.93 -9.00
N LYS A 188 -20.49 23.52 -8.77
CA LYS A 188 -21.07 23.44 -7.44
C LYS A 188 -20.36 22.46 -6.48
N SER A 189 -20.37 21.16 -6.77
CA SER A 189 -19.90 20.19 -5.78
C SER A 189 -18.38 20.10 -5.63
N TYR A 190 -17.93 19.94 -4.39
CA TYR A 190 -16.51 19.70 -4.13
C TYR A 190 -16.29 18.31 -3.54
N SER A 191 -17.23 17.41 -3.79
CA SER A 191 -17.04 16.02 -3.40
C SER A 191 -15.88 15.45 -4.21
N LEU A 192 -15.23 14.45 -3.65
CA LEU A 192 -14.12 13.78 -4.33
C LEU A 192 -14.52 13.35 -5.73
N ALA A 193 -15.66 12.69 -5.86
CA ALA A 193 -16.08 12.16 -7.15
C ALA A 193 -16.38 13.28 -8.14
N SER A 194 -17.02 14.35 -7.65
CA SER A 194 -17.36 15.47 -8.51
C SER A 194 -16.10 16.13 -9.06
N LEU A 195 -15.11 16.29 -8.19
CA LEU A 195 -13.86 16.94 -8.56
C LEU A 195 -13.15 16.10 -9.61
N PHE A 196 -13.09 14.78 -9.39
CA PHE A 196 -12.39 13.93 -10.35
C PHE A 196 -13.05 14.00 -11.73
N HIS A 197 -14.38 13.90 -11.75
CA HIS A 197 -15.13 14.01 -13.00
C HIS A 197 -14.89 15.34 -13.70
N ARG A 198 -14.84 16.44 -12.95
CA ARG A 198 -14.63 17.75 -13.56
C ARG A 198 -13.25 17.85 -14.17
N TYR A 199 -12.25 17.37 -13.44
CA TYR A 199 -10.87 17.58 -13.82
C TYR A 199 -10.40 16.61 -14.89
N PHE A 200 -10.92 15.37 -14.86
CA PHE A 200 -10.44 14.30 -15.75
C PHE A 200 -11.53 13.80 -16.70
N GLN A 201 -12.77 14.20 -16.47
CA GLN A 201 -13.89 13.87 -17.36
C GLN A 201 -13.95 12.37 -17.64
N ALA A 202 -13.87 11.59 -16.58
CA ALA A 202 -13.98 10.14 -16.65
C ALA A 202 -14.28 9.62 -15.26
N GLU A 203 -14.69 8.37 -15.15
CA GLU A 203 -14.91 7.73 -13.86
C GLU A 203 -13.57 7.32 -13.27
N PRO A 204 -13.40 7.46 -11.94
CA PRO A 204 -12.14 6.96 -11.39
C PRO A 204 -12.03 5.44 -11.55
N SER A 205 -10.81 4.96 -11.79
CA SER A 205 -10.57 3.53 -11.86
C SER A 205 -10.44 2.95 -10.45
N ALA A 206 -10.73 3.78 -9.45
CA ALA A 206 -10.70 3.39 -8.05
C ALA A 206 -11.65 2.23 -7.77
N ALA A 207 -11.51 1.65 -6.58
CA ALA A 207 -12.30 0.48 -6.20
C ALA A 207 -13.37 0.81 -5.16
N HIS A 208 -13.73 2.09 -5.07
CA HIS A 208 -14.69 2.55 -4.06
C HIS A 208 -14.22 2.06 -2.70
N SER A 209 -12.91 2.19 -2.50
CA SER A 209 -12.21 1.70 -1.33
C SER A 209 -11.26 2.78 -0.85
N ALA A 210 -10.65 2.58 0.31
CA ALA A 210 -9.74 3.57 0.87
C ALA A 210 -8.58 3.81 -0.09
N GLU A 211 -8.00 2.73 -0.60
CA GLU A 211 -6.88 2.86 -1.53
C GLU A 211 -7.32 3.53 -2.83
N GLY A 212 -8.49 3.15 -3.32
CA GLY A 212 -8.99 3.73 -4.56
C GLY A 212 -9.26 5.22 -4.38
N ASP A 213 -9.78 5.60 -3.22
CA ASP A 213 -10.08 7.01 -2.95
C ASP A 213 -8.81 7.84 -2.76
N VAL A 214 -7.75 7.24 -2.22
CA VAL A 214 -6.48 7.95 -2.10
C VAL A 214 -5.91 8.17 -3.50
N HIS A 215 -6.02 7.15 -4.34
CA HIS A 215 -5.57 7.22 -5.72
C HIS A 215 -6.26 8.36 -6.46
N THR A 216 -7.58 8.43 -6.31
CA THR A 216 -8.38 9.51 -6.88
C THR A 216 -7.95 10.87 -6.32
N LEU A 217 -7.66 10.93 -5.03
CA LEU A 217 -7.25 12.19 -4.39
C LEU A 217 -5.90 12.66 -4.90
N LEU A 218 -4.96 11.73 -5.05
CA LEU A 218 -3.64 12.12 -5.51
C LEU A 218 -3.71 12.67 -6.93
N LEU A 219 -4.55 12.11 -7.79
CA LEU A 219 -4.67 12.61 -9.14
C LEU A 219 -5.30 14.01 -9.14
N ILE A 220 -6.35 14.20 -8.34
CA ILE A 220 -6.93 15.55 -8.21
C ILE A 220 -5.86 16.54 -7.76
N PHE A 221 -5.06 16.17 -6.76
CA PHE A 221 -3.99 17.03 -6.26
C PHE A 221 -3.01 17.39 -7.38
N LEU A 222 -2.56 16.38 -8.11
CA LEU A 222 -1.60 16.57 -9.18
C LEU A 222 -2.14 17.52 -10.24
N HIS A 223 -3.43 17.43 -10.54
CA HIS A 223 -4.05 18.30 -11.53
C HIS A 223 -3.87 19.79 -11.18
N ARG A 224 -3.72 20.10 -9.91
CA ARG A 224 -3.59 21.48 -9.46
C ARG A 224 -2.45 21.62 -8.46
N ALA A 225 -1.36 20.91 -8.75
CA ALA A 225 -0.28 20.74 -7.79
C ALA A 225 0.38 22.07 -7.34
N PRO A 226 0.77 22.93 -8.29
CA PRO A 226 1.43 24.14 -7.80
C PRO A 226 0.53 25.02 -6.93
N GLU A 227 -0.74 25.15 -7.29
CA GLU A 227 -1.68 25.90 -6.46
C GLU A 227 -1.80 25.29 -5.07
N LEU A 228 -1.93 23.97 -5.00
CA LEU A 228 -2.14 23.30 -3.74
C LEU A 228 -0.88 23.23 -2.87
N LEU A 229 0.28 23.12 -3.51
CA LEU A 229 1.52 23.20 -2.77
C LEU A 229 1.67 24.58 -2.12
N ALA A 230 1.40 25.62 -2.91
CA ALA A 230 1.45 26.98 -2.39
C ALA A 230 0.48 27.16 -1.23
N TRP A 231 -0.71 26.59 -1.37
CA TRP A 231 -1.73 26.66 -0.33
C TRP A 231 -1.22 25.99 0.94
N ALA A 232 -0.62 24.82 0.78
CA ALA A 232 -0.12 24.07 1.93
C ALA A 232 0.98 24.86 2.64
N ASP A 233 1.88 25.47 1.87
CA ASP A 233 3.00 26.21 2.44
C ASP A 233 2.57 27.35 3.36
N GLU A 234 1.37 27.87 3.13
CA GLU A 234 0.87 29.02 3.89
C GLU A 234 -0.32 28.68 4.81
N GLN A 235 -1.05 27.61 4.52
CA GLN A 235 -2.32 27.31 5.21
C GLN A 235 -2.36 25.98 5.97
N ALA A 236 -1.41 25.07 5.73
CA ALA A 236 -1.46 23.75 6.37
C ALA A 236 -1.49 23.92 7.88
N ARG A 237 -2.31 23.10 8.54
CA ARG A 237 -2.50 23.20 9.98
C ARG A 237 -1.69 22.17 10.75
N SER A 238 -1.26 22.56 11.94
CA SER A 238 -0.51 21.69 12.81
C SER A 238 -1.34 20.49 13.23
N TRP A 239 -0.79 19.29 13.07
CA TRP A 239 -1.49 18.09 13.49
C TRP A 239 -1.78 18.17 14.97
N ALA A 240 -0.87 18.78 15.72
CA ALA A 240 -1.01 18.89 17.16
C ALA A 240 -2.25 19.71 17.54
N HIS A 241 -2.76 20.50 16.60
CA HIS A 241 -3.94 21.32 16.86
C HIS A 241 -5.26 20.63 16.50
N ILE A 242 -5.16 19.42 15.96
CA ILE A 242 -6.36 18.65 15.62
C ILE A 242 -7.00 18.11 16.89
N GLU A 243 -8.33 18.15 16.94
CA GLU A 243 -9.09 17.65 18.08
C GLU A 243 -9.76 16.31 17.76
N PRO A 244 -9.83 15.40 18.73
CA PRO A 244 -10.57 14.16 18.48
C PRO A 244 -12.03 14.40 18.14
N MET A 245 -12.58 13.56 17.29
CA MET A 245 -13.99 13.67 16.94
C MET A 245 -14.85 13.36 18.16
N TYR A 246 -14.45 12.37 18.94
CA TYR A 246 -15.17 12.02 20.17
C TYR A 246 -14.24 11.38 21.20
N VAL A 247 -14.72 11.27 22.43
CA VAL A 247 -13.97 10.61 23.50
C VAL A 247 -14.32 9.12 23.53
N PRO A 248 -13.38 8.24 23.17
CA PRO A 248 -13.70 6.81 23.04
C PRO A 248 -13.92 6.12 24.38
N PRO B 25 0.05 -26.29 11.58
CA PRO B 25 -1.25 -25.79 11.13
C PRO B 25 -1.19 -25.20 9.72
N ARG B 26 -2.33 -25.17 9.03
CA ARG B 26 -2.41 -24.50 7.74
C ARG B 26 -2.09 -23.02 7.95
N ALA B 27 -1.48 -22.40 6.93
CA ALA B 27 -1.32 -20.96 6.93
C ALA B 27 -2.68 -20.30 6.78
N GLU B 28 -2.91 -19.25 7.56
CA GLU B 28 -4.17 -18.52 7.54
C GLU B 28 -4.11 -17.30 6.62
N THR B 29 -2.93 -16.69 6.49
CA THR B 29 -2.75 -15.54 5.61
C THR B 29 -1.62 -15.82 4.62
N PHE B 30 -1.88 -15.51 3.35
CA PHE B 30 -0.85 -15.61 2.32
C PHE B 30 -0.37 -14.20 2.00
N VAL B 31 0.93 -13.98 2.20
CA VAL B 31 1.53 -12.68 1.93
C VAL B 31 2.36 -12.75 0.66
N PHE B 32 1.78 -12.21 -0.40
CA PHE B 32 2.40 -12.21 -1.71
C PHE B 32 3.40 -11.08 -1.76
N LEU B 33 4.59 -11.34 -2.28
CA LEU B 33 5.58 -10.30 -2.26
C LEU B 33 6.48 -10.34 -3.46
N ASP B 34 7.09 -9.19 -3.72
CA ASP B 34 8.11 -9.08 -4.74
C ASP B 34 9.13 -8.07 -4.27
N LEU B 35 10.40 -8.33 -4.58
CA LEU B 35 11.51 -7.45 -4.29
C LEU B 35 12.16 -7.01 -5.59
N GLU B 36 12.56 -5.74 -5.65
CA GLU B 36 13.45 -5.27 -6.72
C GLU B 36 14.77 -4.90 -6.08
N ALA B 37 15.85 -5.42 -6.65
CA ALA B 37 17.16 -5.23 -6.07
C ALA B 37 18.20 -4.87 -7.12
N THR B 38 19.34 -4.42 -6.62
CA THR B 38 20.50 -4.13 -7.45
C THR B 38 21.72 -4.75 -6.79
N GLY B 39 22.85 -4.71 -7.48
CA GLY B 39 24.12 -5.11 -6.89
C GLY B 39 24.35 -6.62 -6.87
N LEU B 40 23.40 -7.37 -7.40
CA LEU B 40 23.53 -8.82 -7.46
C LEU B 40 24.81 -9.25 -8.20
N PRO B 41 25.10 -8.61 -9.35
CA PRO B 41 26.34 -8.90 -10.07
C PRO B 41 27.60 -8.71 -9.22
N ASN B 42 27.48 -7.94 -8.14
CA ASN B 42 28.56 -7.76 -7.20
C ASN B 42 28.47 -8.73 -6.03
N MET B 43 27.42 -9.54 -6.04
CA MET B 43 27.08 -10.38 -4.88
C MET B 43 27.01 -9.50 -3.63
N ASP B 44 26.53 -8.27 -3.84
CA ASP B 44 26.24 -7.34 -2.76
C ASP B 44 24.82 -6.80 -2.98
N PRO B 45 23.83 -7.70 -3.01
CA PRO B 45 22.47 -7.29 -3.37
C PRO B 45 21.85 -6.34 -2.35
N GLU B 46 21.08 -5.38 -2.82
CA GLU B 46 20.48 -4.37 -1.96
C GLU B 46 19.10 -3.99 -2.46
N ILE B 47 18.08 -4.27 -1.64
CA ILE B 47 16.70 -4.06 -2.04
C ILE B 47 16.41 -2.59 -2.32
N ALA B 48 15.71 -2.34 -3.44
CA ALA B 48 15.30 -1.00 -3.83
C ALA B 48 13.79 -0.79 -3.64
N GLU B 49 13.03 -1.88 -3.72
CA GLU B 49 11.59 -1.81 -3.54
C GLU B 49 11.05 -3.14 -3.09
N ILE B 50 10.09 -3.09 -2.18
CA ILE B 50 9.42 -4.28 -1.73
C ILE B 50 7.93 -3.97 -1.68
N SER B 51 7.13 -4.93 -2.16
CA SER B 51 5.69 -4.79 -2.11
C SER B 51 5.12 -6.09 -1.57
N LEU B 52 4.12 -5.96 -0.70
CA LEU B 52 3.48 -7.09 -0.08
C LEU B 52 1.97 -6.91 -0.15
N PHE B 53 1.25 -7.94 -0.60
CA PHE B 53 -0.21 -7.97 -0.55
C PHE B 53 -0.62 -9.10 0.38
N ALA B 54 -1.32 -8.81 1.47
CA ALA B 54 -1.71 -9.86 2.41
C ALA B 54 -3.17 -10.26 2.19
N VAL B 55 -3.39 -11.56 2.00
CA VAL B 55 -4.69 -12.10 1.68
C VAL B 55 -5.01 -13.27 2.60
N HIS B 56 -6.20 -13.26 3.18
CA HIS B 56 -6.61 -14.37 4.02
C HIS B 56 -6.94 -15.58 3.16
N ARG B 57 -6.65 -16.76 3.70
CA ARG B 57 -6.96 -18.03 3.04
C ARG B 57 -8.37 -18.13 2.47
N SER B 58 -9.36 -17.64 3.21
CA SER B 58 -10.75 -17.77 2.78
C SER B 58 -10.99 -17.05 1.46
N SER B 59 -10.33 -15.92 1.26
CA SER B 59 -10.43 -15.16 0.03
C SER B 59 -9.90 -15.94 -1.16
N LEU B 60 -8.91 -16.80 -0.90
CA LEU B 60 -8.32 -17.63 -1.94
C LEU B 60 -9.14 -18.91 -2.15
N GLU B 61 -9.77 -19.39 -1.09
CA GLU B 61 -10.63 -20.58 -1.20
C GLU B 61 -11.86 -20.26 -2.03
N ASN B 62 -12.35 -19.03 -1.89
CA ASN B 62 -13.58 -18.60 -2.53
C ASN B 62 -13.37 -17.30 -3.32
N PRO B 63 -12.77 -17.41 -4.53
CA PRO B 63 -12.45 -16.22 -5.32
C PRO B 63 -13.69 -15.39 -5.72
N GLU B 64 -13.52 -14.07 -5.75
CA GLU B 64 -14.58 -13.17 -6.17
C GLU B 64 -14.49 -12.91 -7.68
N ARG B 65 -15.65 -12.79 -8.32
CA ARG B 65 -15.71 -12.52 -9.76
C ARG B 65 -16.82 -11.51 -10.06
N ASP B 66 -16.59 -10.62 -11.03
CA ASP B 66 -17.56 -9.58 -11.34
C ASP B 66 -18.65 -10.05 -12.30
N GLY B 69 -17.53 -11.59 -15.28
CA GLY B 69 -17.24 -12.98 -14.99
C GLY B 69 -15.78 -13.22 -14.61
N SER B 70 -14.94 -12.23 -14.84
CA SER B 70 -13.50 -12.36 -14.57
C SER B 70 -13.17 -12.21 -13.09
N LEU B 71 -11.94 -12.56 -12.73
CA LEU B 71 -11.48 -12.47 -11.34
C LEU B 71 -11.24 -11.03 -10.90
N VAL B 72 -11.54 -10.77 -9.63
CA VAL B 72 -11.20 -9.50 -9.01
C VAL B 72 -10.53 -9.77 -7.67
N LEU B 73 -9.67 -8.85 -7.24
CA LEU B 73 -8.92 -9.05 -6.01
C LEU B 73 -9.86 -9.05 -4.80
N PRO B 74 -9.42 -9.70 -3.70
CA PRO B 74 -10.23 -9.71 -2.48
C PRO B 74 -10.43 -8.30 -1.97
N ARG B 75 -11.61 -8.02 -1.40
CA ARG B 75 -11.86 -6.71 -0.82
C ARG B 75 -10.98 -6.46 0.41
N VAL B 76 -10.90 -7.46 1.29
CA VAL B 76 -10.10 -7.33 2.50
C VAL B 76 -8.66 -7.66 2.19
N LEU B 77 -7.87 -6.63 1.92
CA LEU B 77 -6.51 -6.82 1.46
C LEU B 77 -5.60 -5.78 2.06
N ASP B 78 -4.64 -6.22 2.87
CA ASP B 78 -3.63 -5.33 3.40
C ASP B 78 -2.46 -5.23 2.42
N LYS B 79 -1.86 -4.05 2.35
CA LYS B 79 -0.82 -3.78 1.36
C LYS B 79 0.24 -2.86 1.95
N LEU B 80 1.50 -3.15 1.60
CA LEU B 80 2.64 -2.36 2.00
C LEU B 80 3.62 -2.30 0.85
N THR B 81 3.98 -1.09 0.46
CA THR B 81 4.94 -0.87 -0.62
C THR B 81 5.91 0.18 -0.13
N LEU B 82 7.20 -0.16 -0.13
CA LEU B 82 8.24 0.73 0.36
C LEU B 82 9.39 0.81 -0.62
N CYS B 83 9.82 2.03 -0.92
CA CYS B 83 10.96 2.26 -1.80
C CYS B 83 12.17 2.59 -0.97
N MET B 84 13.32 2.14 -1.45
CA MET B 84 14.57 2.33 -0.76
C MET B 84 15.63 2.69 -1.78
N CYS B 85 16.44 3.69 -1.46
CA CYS B 85 17.58 4.01 -2.29
C CYS B 85 18.69 2.97 -2.07
N PRO B 86 18.99 2.15 -3.08
CA PRO B 86 20.08 1.20 -2.88
C PRO B 86 21.43 1.90 -2.99
N GLU B 87 22.45 1.35 -2.35
CA GLU B 87 23.80 1.91 -2.45
C GLU B 87 24.40 1.60 -3.81
N ARG B 88 24.07 0.41 -4.35
CA ARG B 88 24.55 0.01 -5.67
C ARG B 88 23.54 0.36 -6.75
N PRO B 89 24.03 0.61 -7.99
CA PRO B 89 23.18 1.10 -9.08
C PRO B 89 22.43 0.00 -9.82
N PHE B 90 21.28 0.33 -10.40
CA PHE B 90 20.57 -0.58 -11.29
C PHE B 90 21.35 -0.73 -12.59
N THR B 91 21.21 -1.87 -13.24
CA THR B 91 21.67 -1.99 -14.61
C THR B 91 20.64 -1.27 -15.48
N ALA B 92 21.07 -0.75 -16.63
CA ALA B 92 20.20 0.06 -17.48
C ALA B 92 18.99 -0.75 -17.97
N LYS B 93 19.15 -2.07 -18.04
CA LYS B 93 18.06 -2.95 -18.43
C LYS B 93 17.01 -3.06 -17.32
N ALA B 94 17.48 -3.04 -16.08
CA ALA B 94 16.62 -3.19 -14.91
C ALA B 94 16.17 -1.83 -14.39
N SER B 95 16.59 -0.78 -15.10
CA SER B 95 16.15 0.58 -14.80
C SER B 95 15.01 0.96 -15.74
N GLU B 96 15.06 0.44 -16.96
CA GLU B 96 14.00 0.68 -17.94
C GLU B 96 12.74 -0.10 -17.56
N ILE B 97 12.93 -1.33 -17.07
CA ILE B 97 11.81 -2.19 -16.70
C ILE B 97 11.14 -1.67 -15.42
N THR B 98 11.89 -1.65 -14.32
CA THR B 98 11.35 -1.25 -13.03
C THR B 98 11.00 0.23 -13.00
N GLY B 99 11.75 1.02 -13.76
CA GLY B 99 11.52 2.46 -13.83
C GLY B 99 12.13 3.20 -12.65
N LEU B 100 13.05 2.56 -11.95
CA LEU B 100 13.79 3.21 -10.86
C LEU B 100 15.22 3.54 -11.27
N SER B 101 15.77 4.52 -10.58
CA SER B 101 17.20 4.78 -10.57
C SER B 101 17.59 4.97 -9.11
N SER B 102 18.83 4.65 -8.77
CA SER B 102 19.29 4.83 -7.40
C SER B 102 19.31 6.31 -7.04
N GLU B 103 19.54 7.16 -8.04
CA GLU B 103 19.59 8.60 -7.81
C GLU B 103 18.19 9.16 -7.56
N SER B 104 17.20 8.61 -8.25
CA SER B 104 15.83 9.08 -8.14
C SER B 104 15.19 8.71 -6.80
N LEU B 105 15.49 7.51 -6.31
CA LEU B 105 15.01 7.07 -5.00
C LEU B 105 15.58 7.99 -3.92
N MET B 106 16.82 8.41 -4.13
CA MET B 106 17.49 9.36 -3.25
C MET B 106 16.79 10.72 -3.36
N HIS B 107 16.46 11.10 -4.58
CA HIS B 107 15.80 12.37 -4.87
C HIS B 107 14.45 12.49 -4.15
N CYS B 108 13.74 11.37 -4.04
CA CYS B 108 12.50 11.33 -3.30
C CYS B 108 12.74 11.03 -1.83
N GLY B 109 14.01 11.12 -1.43
CA GLY B 109 14.39 11.09 -0.03
C GLY B 109 14.12 9.78 0.67
N LYS B 110 14.72 8.71 0.16
CA LYS B 110 14.56 7.38 0.75
C LYS B 110 15.89 6.85 1.23
N ALA B 111 15.94 6.40 2.48
CA ALA B 111 17.12 5.72 3.00
C ALA B 111 17.16 4.28 2.44
N GLY B 112 18.14 3.50 2.91
CA GLY B 112 18.25 2.12 2.50
C GLY B 112 17.38 1.22 3.35
N PHE B 113 17.49 -0.09 3.12
CA PHE B 113 16.84 -1.07 3.97
C PHE B 113 17.39 -0.97 5.39
N ASN B 114 16.60 -0.41 6.30
CA ASN B 114 17.07 -0.13 7.65
C ASN B 114 16.07 -0.57 8.73
N GLY B 115 16.35 -0.17 9.97
CA GLY B 115 15.50 -0.52 11.10
C GLY B 115 14.07 -0.10 10.92
N ALA B 116 13.86 1.07 10.32
CA ALA B 116 12.50 1.56 10.06
C ALA B 116 11.75 0.66 9.10
N VAL B 117 12.44 0.14 8.10
CA VAL B 117 11.81 -0.82 7.18
C VAL B 117 11.37 -2.06 7.96
N VAL B 118 12.28 -2.56 8.80
CA VAL B 118 12.01 -3.76 9.60
C VAL B 118 10.81 -3.55 10.54
N ARG B 119 10.74 -2.42 11.23
CA ARG B 119 9.63 -2.14 12.13
C ARG B 119 8.30 -2.09 11.39
N THR B 120 8.31 -1.48 10.21
CA THR B 120 7.12 -1.38 9.39
C THR B 120 6.70 -2.77 8.91
N LEU B 121 7.66 -3.54 8.42
CA LEU B 121 7.35 -4.86 7.91
C LEU B 121 6.82 -5.77 9.03
N GLN B 122 7.44 -5.72 10.20
CA GLN B 122 7.03 -6.59 11.30
C GLN B 122 5.66 -6.17 11.82
N GLY B 123 5.42 -4.87 11.83
CA GLY B 123 4.10 -4.37 12.20
C GLY B 123 3.07 -4.93 11.23
N PHE B 124 3.40 -4.82 9.95
CA PHE B 124 2.52 -5.28 8.88
C PHE B 124 2.19 -6.76 9.02
N LEU B 125 3.22 -7.57 9.30
CA LEU B 125 3.00 -9.01 9.41
C LEU B 125 2.24 -9.36 10.68
N SER B 126 2.39 -8.57 11.73
CA SER B 126 1.66 -8.84 12.97
C SER B 126 0.16 -8.55 12.79
N ARG B 127 -0.18 -7.74 11.79
CA ARG B 127 -1.58 -7.45 11.47
C ARG B 127 -2.29 -8.62 10.79
N GLN B 128 -1.53 -9.63 10.40
CA GLN B 128 -2.08 -10.78 9.70
C GLN B 128 -2.32 -11.92 10.67
N GLU B 129 -3.45 -12.60 10.49
CA GLU B 129 -3.69 -13.84 11.23
C GLU B 129 -2.68 -14.89 10.80
N GLY B 130 -1.92 -15.42 11.77
CA GLY B 130 -0.93 -16.45 11.49
C GLY B 130 -1.53 -17.85 11.48
N PRO B 131 -0.78 -18.85 10.97
CA PRO B 131 0.56 -18.70 10.39
C PRO B 131 0.54 -18.05 9.01
N ILE B 132 1.66 -17.40 8.68
CA ILE B 132 1.82 -16.69 7.41
C ILE B 132 2.53 -17.57 6.39
N CYS B 133 2.03 -17.55 5.15
CA CYS B 133 2.76 -18.13 4.03
C CYS B 133 3.21 -17.03 3.08
N LEU B 134 4.51 -16.83 2.97
CA LEU B 134 5.05 -15.89 2.01
C LEU B 134 5.00 -16.52 0.64
N VAL B 135 4.53 -15.75 -0.35
CA VAL B 135 4.43 -16.22 -1.72
C VAL B 135 5.20 -15.28 -2.67
N ALA B 136 6.13 -15.85 -3.43
CA ALA B 136 6.90 -15.08 -4.39
C ALA B 136 7.27 -15.92 -5.60
N HIS B 137 7.18 -15.32 -6.79
CA HIS B 137 7.51 -16.00 -8.02
C HIS B 137 9.03 -15.96 -8.18
N ASN B 138 9.62 -17.15 -8.31
CA ASN B 138 11.07 -17.34 -8.27
C ASN B 138 11.63 -16.97 -6.90
N GLY B 139 10.81 -17.14 -5.87
CA GLY B 139 11.19 -16.80 -4.51
C GLY B 139 12.42 -17.51 -3.94
N PHE B 140 12.58 -18.80 -4.23
CA PHE B 140 13.69 -19.56 -3.66
C PHE B 140 15.04 -19.10 -4.19
N ASP B 141 15.06 -18.52 -5.38
CA ASP B 141 16.32 -18.16 -6.03
C ASP B 141 16.64 -16.67 -5.92
N TYR B 142 15.67 -15.88 -5.50
CA TYR B 142 15.81 -14.43 -5.52
C TYR B 142 15.19 -13.78 -4.29
N ASP B 143 13.87 -13.64 -4.27
CA ASP B 143 13.19 -12.85 -3.24
C ASP B 143 13.49 -13.32 -1.81
N PHE B 144 13.34 -14.62 -1.55
CA PHE B 144 13.45 -15.12 -0.18
C PHE B 144 14.88 -15.04 0.36
N PRO B 145 15.87 -15.53 -0.40
CA PRO B 145 17.21 -15.41 0.18
C PRO B 145 17.64 -13.94 0.31
N LEU B 146 17.16 -13.10 -0.59
CA LEU B 146 17.48 -11.68 -0.53
C LEU B 146 16.84 -11.03 0.70
N LEU B 147 15.55 -11.31 0.91
CA LEU B 147 14.86 -10.81 2.09
C LEU B 147 15.58 -11.32 3.32
N CYS B 148 15.99 -12.58 3.29
CA CYS B 148 16.66 -13.20 4.43
C CYS B 148 17.98 -12.50 4.75
N THR B 149 18.75 -12.16 3.72
CA THR B 149 20.02 -11.46 3.91
C THR B 149 19.85 -10.08 4.56
N GLU B 150 18.83 -9.34 4.12
CA GLU B 150 18.62 -7.99 4.66
C GLU B 150 18.18 -8.06 6.11
N LEU B 151 17.28 -8.99 6.43
CA LEU B 151 16.80 -9.15 7.80
C LEU B 151 17.89 -9.63 8.75
N GLN B 152 18.68 -10.60 8.32
CA GLN B 152 19.74 -11.13 9.18
C GLN B 152 20.81 -10.07 9.41
N ARG B 153 21.01 -9.21 8.42
CA ARG B 153 21.94 -8.09 8.55
C ARG B 153 21.52 -7.19 9.70
N LEU B 154 20.21 -7.12 9.92
CA LEU B 154 19.63 -6.28 10.97
C LEU B 154 19.18 -7.11 12.16
N GLY B 155 19.59 -8.37 12.20
CA GLY B 155 19.24 -9.27 13.29
C GLY B 155 17.75 -9.47 13.45
N ALA B 156 17.01 -9.33 12.36
CA ALA B 156 15.54 -9.37 12.41
C ALA B 156 14.98 -10.74 12.02
N HIS B 157 13.98 -11.18 12.78
CA HIS B 157 13.35 -12.48 12.57
C HIS B 157 11.86 -12.35 12.29
N LEU B 158 11.36 -13.22 11.42
CA LEU B 158 9.93 -13.37 11.21
C LEU B 158 9.39 -14.38 12.20
N PRO B 159 8.07 -14.43 12.39
CA PRO B 159 7.47 -15.46 13.26
C PRO B 159 7.97 -16.85 12.91
N GLN B 160 8.36 -17.62 13.92
CA GLN B 160 9.02 -18.90 13.69
C GLN B 160 8.11 -19.94 13.04
N ASP B 161 6.82 -19.65 12.95
CA ASP B 161 5.88 -20.55 12.28
C ASP B 161 5.63 -20.13 10.82
N THR B 162 6.35 -19.11 10.36
CA THR B 162 6.19 -18.64 9.00
C THR B 162 6.71 -19.68 8.03
N VAL B 163 5.99 -19.86 6.92
CA VAL B 163 6.44 -20.73 5.84
C VAL B 163 6.44 -19.95 4.55
N CYS B 164 6.95 -20.56 3.48
CA CYS B 164 6.92 -19.91 2.18
C CYS B 164 6.77 -20.83 1.00
N LEU B 165 6.35 -20.21 -0.10
CA LEU B 165 5.88 -20.89 -1.28
C LEU B 165 6.43 -20.18 -2.51
N ASP B 166 7.09 -20.92 -3.39
CA ASP B 166 7.57 -20.36 -4.66
C ASP B 166 6.66 -20.86 -5.76
N THR B 167 5.98 -19.93 -6.43
CA THR B 167 4.98 -20.31 -7.41
C THR B 167 5.60 -20.86 -8.70
N LEU B 168 6.89 -20.60 -8.92
CA LEU B 168 7.53 -21.03 -10.15
C LEU B 168 7.64 -22.56 -10.21
N PRO B 169 8.30 -23.20 -9.23
CA PRO B 169 8.31 -24.67 -9.22
C PRO B 169 6.92 -25.27 -8.98
N ALA B 170 6.06 -24.56 -8.25
CA ALA B 170 4.70 -25.04 -8.00
C ALA B 170 3.95 -25.20 -9.32
N LEU B 171 3.96 -24.17 -10.15
CA LEU B 171 3.20 -24.19 -11.39
C LEU B 171 3.84 -25.15 -12.41
N ARG B 172 5.16 -25.25 -12.39
CA ARG B 172 5.85 -26.25 -13.20
C ARG B 172 5.46 -27.64 -12.73
N GLY B 173 5.60 -27.84 -11.41
CA GLY B 173 5.28 -29.11 -10.80
C GLY B 173 3.86 -29.55 -11.08
N LEU B 174 2.92 -28.61 -11.02
CA LEU B 174 1.52 -28.91 -11.26
C LEU B 174 1.27 -29.31 -12.71
N ASP B 175 1.93 -28.61 -13.63
CA ASP B 175 1.74 -28.87 -15.05
C ASP B 175 2.34 -30.23 -15.44
N ARG B 176 3.40 -30.63 -14.74
CA ARG B 176 4.03 -31.92 -14.98
C ARG B 176 3.16 -33.05 -14.45
N ALA B 177 2.37 -32.78 -13.42
CA ALA B 177 1.48 -33.79 -12.86
C ALA B 177 0.37 -34.17 -13.84
N HIS B 178 0.28 -33.44 -14.95
CA HIS B 178 -0.66 -33.76 -16.03
C HIS B 178 0.09 -34.29 -17.25
N LYS B 188 7.48 -24.80 -22.07
CA LYS B 188 6.74 -23.56 -21.85
C LYS B 188 7.55 -22.56 -21.04
N SER B 189 7.16 -21.29 -21.14
CA SER B 189 7.72 -20.25 -20.30
C SER B 189 6.91 -20.15 -19.03
N TYR B 190 7.60 -19.88 -17.93
CA TYR B 190 6.95 -19.77 -16.63
C TYR B 190 7.24 -18.43 -15.99
N SER B 191 7.35 -17.42 -16.84
CA SER B 191 7.48 -16.05 -16.40
C SER B 191 6.09 -15.50 -16.10
N LEU B 192 6.03 -14.43 -15.30
CA LEU B 192 4.77 -13.78 -14.99
C LEU B 192 4.08 -13.33 -16.27
N ALA B 193 4.83 -12.66 -17.13
CA ALA B 193 4.32 -12.19 -18.41
C ALA B 193 3.66 -13.33 -19.16
N SER B 194 4.40 -14.43 -19.33
CA SER B 194 3.91 -15.57 -20.11
C SER B 194 2.75 -16.27 -19.42
N LEU B 195 2.89 -16.53 -18.13
CA LEU B 195 1.83 -17.18 -17.35
C LEU B 195 0.54 -16.37 -17.41
N PHE B 196 0.66 -15.06 -17.24
CA PHE B 196 -0.48 -14.18 -17.24
C PHE B 196 -1.21 -14.20 -18.59
N HIS B 197 -0.45 -14.19 -19.68
CA HIS B 197 -1.04 -14.24 -21.02
C HIS B 197 -1.75 -15.57 -21.25
N ARG B 198 -1.20 -16.65 -20.69
CA ARG B 198 -1.74 -17.98 -20.92
C ARG B 198 -3.00 -18.27 -20.11
N TYR B 199 -3.23 -17.50 -19.04
CA TYR B 199 -4.37 -17.74 -18.16
C TYR B 199 -5.50 -16.73 -18.40
N PHE B 200 -5.15 -15.54 -18.90
CA PHE B 200 -6.13 -14.45 -18.99
C PHE B 200 -6.24 -13.80 -20.37
N GLN B 201 -5.72 -14.47 -21.40
CA GLN B 201 -5.91 -14.03 -22.78
C GLN B 201 -5.16 -12.75 -23.16
N ALA B 202 -4.94 -11.87 -22.19
CA ALA B 202 -4.42 -10.53 -22.47
C ALA B 202 -3.13 -10.23 -21.71
N GLU B 203 -2.58 -9.05 -21.97
CA GLU B 203 -1.37 -8.59 -21.30
C GLU B 203 -1.74 -7.85 -20.02
N PRO B 204 -0.91 -7.97 -18.97
CA PRO B 204 -1.23 -7.27 -17.73
C PRO B 204 -1.00 -5.77 -17.86
N SER B 205 -2.05 -4.97 -17.64
CA SER B 205 -1.93 -3.52 -17.63
C SER B 205 -1.27 -3.04 -16.34
N ALA B 206 -0.89 -4.00 -15.48
CA ALA B 206 -0.17 -3.68 -14.26
C ALA B 206 1.20 -3.11 -14.59
N ALA B 207 1.50 -1.93 -14.04
CA ALA B 207 2.79 -1.29 -14.22
C ALA B 207 3.92 -2.24 -13.85
N HIS B 208 5.07 -2.11 -14.49
CA HIS B 208 6.20 -2.97 -14.15
C HIS B 208 6.91 -2.39 -12.93
N SER B 209 6.45 -2.86 -11.77
CA SER B 209 6.98 -2.46 -10.49
C SER B 209 6.83 -3.66 -9.57
N ALA B 210 7.36 -3.57 -8.35
CA ALA B 210 7.14 -4.61 -7.37
C ALA B 210 5.64 -4.77 -7.14
N GLU B 211 4.95 -3.67 -6.86
CA GLU B 211 3.52 -3.71 -6.59
C GLU B 211 2.76 -4.30 -7.77
N GLY B 212 3.11 -3.87 -8.97
CA GLY B 212 2.47 -4.37 -10.17
C GLY B 212 2.68 -5.86 -10.32
N ASP B 213 3.91 -6.30 -10.07
CA ASP B 213 4.26 -7.72 -10.17
C ASP B 213 3.51 -8.57 -9.16
N VAL B 214 3.27 -8.04 -7.97
CA VAL B 214 2.51 -8.79 -6.97
C VAL B 214 1.04 -8.86 -7.38
N HIS B 215 0.50 -7.76 -7.88
CA HIS B 215 -0.84 -7.74 -8.43
C HIS B 215 -1.02 -8.86 -9.44
N THR B 216 -0.11 -8.91 -10.42
CA THR B 216 -0.15 -9.92 -11.47
C THR B 216 -0.03 -11.33 -10.89
N LEU B 217 0.83 -11.49 -9.89
CA LEU B 217 1.05 -12.79 -9.25
C LEU B 217 -0.19 -13.27 -8.51
N LEU B 218 -0.82 -12.37 -7.77
CA LEU B 218 -2.04 -12.72 -7.03
C LEU B 218 -3.13 -13.21 -7.99
N LEU B 219 -3.28 -12.57 -9.14
CA LEU B 219 -4.29 -12.98 -10.11
C LEU B 219 -3.97 -14.37 -10.66
N ILE B 220 -2.72 -14.58 -11.04
CA ILE B 220 -2.26 -15.90 -11.47
C ILE B 220 -2.55 -16.95 -10.39
N PHE B 221 -2.21 -16.65 -9.13
CA PHE B 221 -2.49 -17.56 -8.03
C PHE B 221 -3.99 -17.84 -7.94
N LEU B 222 -4.80 -16.78 -7.99
CA LEU B 222 -6.24 -16.95 -7.92
C LEU B 222 -6.75 -17.88 -9.03
N HIS B 223 -6.20 -17.73 -10.22
CA HIS B 223 -6.62 -18.54 -11.37
C HIS B 223 -6.38 -20.04 -11.18
N ARG B 224 -5.44 -20.40 -10.32
CA ARG B 224 -5.15 -21.81 -10.03
C ARG B 224 -5.15 -22.07 -8.52
N ALA B 225 -6.01 -21.35 -7.79
CA ALA B 225 -5.94 -21.30 -6.33
C ALA B 225 -6.15 -22.64 -5.61
N PRO B 226 -7.12 -23.46 -6.04
CA PRO B 226 -7.26 -24.73 -5.31
C PRO B 226 -6.01 -25.62 -5.41
N GLU B 227 -5.41 -25.67 -6.59
CA GLU B 227 -4.16 -26.41 -6.79
C GLU B 227 -3.02 -25.86 -5.93
N LEU B 228 -2.87 -24.54 -5.93
CA LEU B 228 -1.75 -23.92 -5.24
C LEU B 228 -1.94 -23.95 -3.71
N LEU B 229 -3.18 -23.82 -3.26
CA LEU B 229 -3.46 -23.97 -1.83
C LEU B 229 -3.08 -25.37 -1.40
N ALA B 230 -3.38 -26.34 -2.26
CA ALA B 230 -3.02 -27.72 -2.00
C ALA B 230 -1.51 -27.86 -2.03
N TRP B 231 -0.87 -27.22 -2.99
CA TRP B 231 0.59 -27.25 -3.05
C TRP B 231 1.17 -26.68 -1.77
N ALA B 232 0.62 -25.55 -1.33
CA ALA B 232 1.11 -24.89 -0.13
C ALA B 232 1.06 -25.80 1.09
N ASP B 233 -0.08 -26.46 1.29
CA ASP B 233 -0.25 -27.36 2.43
C ASP B 233 0.80 -28.47 2.47
N GLU B 234 1.20 -28.95 1.30
CA GLU B 234 2.08 -30.10 1.21
C GLU B 234 3.55 -29.77 0.92
N GLN B 235 3.81 -28.59 0.36
CA GLN B 235 5.13 -28.27 -0.17
C GLN B 235 5.74 -26.98 0.39
N ALA B 236 4.97 -26.18 1.11
CA ALA B 236 5.47 -24.92 1.66
C ALA B 236 6.65 -25.15 2.59
N ARG B 237 7.69 -24.33 2.43
CA ARG B 237 8.95 -24.48 3.13
C ARG B 237 8.97 -23.61 4.38
N SER B 238 9.57 -24.10 5.45
CA SER B 238 9.74 -23.28 6.65
C SER B 238 10.65 -22.10 6.31
N TRP B 239 10.26 -20.90 6.75
CA TRP B 239 11.09 -19.71 6.54
C TRP B 239 12.45 -19.89 7.22
N ALA B 240 12.48 -20.60 8.33
CA ALA B 240 13.72 -20.84 9.05
C ALA B 240 14.72 -21.66 8.23
N HIS B 241 14.23 -22.38 7.23
CA HIS B 241 15.11 -23.15 6.34
C HIS B 241 15.85 -22.23 5.36
N ILE B 242 15.23 -21.10 5.03
CA ILE B 242 15.77 -20.18 4.03
C ILE B 242 17.14 -19.65 4.43
N GLU B 243 18.10 -19.80 3.54
CA GLU B 243 19.47 -19.34 3.80
C GLU B 243 19.73 -18.01 3.10
N PRO B 244 20.46 -17.11 3.77
CA PRO B 244 20.80 -15.82 3.16
C PRO B 244 21.77 -15.95 1.99
N MET B 245 21.86 -14.91 1.18
CA MET B 245 22.91 -14.81 0.17
C MET B 245 24.26 -14.81 0.85
N TYR B 246 24.57 -13.68 1.48
CA TYR B 246 25.85 -13.48 2.15
C TYR B 246 27.03 -13.78 1.23
P PO4 C . -13.75 23.56 -12.32
O1 PO4 C . -12.37 24.17 -12.21
O2 PO4 C . -13.67 22.21 -13.01
O3 PO4 C . -14.67 24.45 -13.12
O4 PO4 C . -14.31 23.34 -10.94
P PO4 D . 1.13 14.50 18.30
O1 PO4 D . 2.57 14.73 17.86
O2 PO4 D . 0.49 13.43 17.45
O3 PO4 D . 0.38 15.81 18.13
O4 PO4 D . 1.09 14.08 19.74
#